data_5WBV
#
_entry.id   5WBV
#
_cell.length_a   46.324
_cell.length_b   50.559
_cell.length_c   74.818
_cell.angle_alpha   101.260
_cell.angle_beta   107.510
_cell.angle_gamma   89.670
#
_symmetry.space_group_name_H-M   'P 1'
#
loop_
_entity.id
_entity.type
_entity.pdbx_description
1 polymer 'Histone-lysine N-methyltransferase KMT5B'
2 non-polymer 'ZINC ION'
3 non-polymer S-ADENOSYLMETHIONINE
4 non-polymer '2-chloro-5-(4-methyl-6-oxo-3-phenylpyrano[2,3-c]pyrazol-1(6H)-yl)benzoic acid'
5 non-polymer 'UNKNOWN ATOM OR ION'
6 water water
#
_entity_poly.entity_id   1
_entity_poly.type   'polypeptide(L)'
_entity_poly.pdbx_seq_one_letter_code
;QSRYVPSSGMSAKELCENDDLATSLVLDPYLGFQTHKMNTSAFPSRSSRHFSKSDSFSHNNPVRFRPIKGRQEELKEVIE
RFKKDEHLEKAFKCLTSGEWARHYFLNKNKMQEKLFKEHVFIYLRMFATDSGFEILPCNRYSSEQNGAKIVATKEWKRND
KIELLVGCIAELSEIEENMLLRHGENDFSVMYSTRKNCAQLWLGPAAFINHDCRPNCKFVSTGRDTACVKALRDIEPGEE
ISCYYGDGFFGENNEFCECYTCERRGTGAFKSR
;
_entity_poly.pdbx_strand_id   A,B
#
# COMPACT_ATOMS: atom_id res chain seq x y z
N MET A 10 -13.64 4.69 -11.22
CA MET A 10 -14.61 5.40 -10.40
C MET A 10 -14.02 6.50 -9.49
N SER A 11 -14.67 7.69 -9.51
CA SER A 11 -14.35 8.80 -8.61
C SER A 11 -14.89 8.42 -7.23
N ALA A 12 -14.59 9.22 -6.18
CA ALA A 12 -15.11 8.87 -4.85
C ALA A 12 -16.64 8.94 -4.76
N LYS A 13 -17.27 9.93 -5.41
CA LYS A 13 -18.72 10.13 -5.46
C LYS A 13 -19.44 8.97 -6.17
N GLU A 14 -18.88 8.53 -7.30
CA GLU A 14 -19.40 7.41 -8.09
C GLU A 14 -19.33 6.10 -7.32
N LEU A 15 -18.25 5.88 -6.54
CA LEU A 15 -18.08 4.67 -5.74
C LEU A 15 -19.13 4.61 -4.62
N CYS A 16 -19.28 5.70 -3.83
CA CYS A 16 -20.30 5.83 -2.77
C CYS A 16 -21.69 5.40 -3.29
N GLU A 17 -22.16 6.02 -4.40
CA GLU A 17 -23.47 5.81 -5.05
C GLU A 17 -23.63 4.44 -5.70
N ASN A 18 -22.63 3.98 -6.45
CA ASN A 18 -22.65 2.64 -7.05
C ASN A 18 -22.66 1.57 -5.97
N ASP A 19 -21.90 1.79 -4.87
CA ASP A 19 -21.84 0.83 -3.79
C ASP A 19 -23.14 0.73 -3.01
N ASP A 20 -23.68 1.89 -2.53
CA ASP A 20 -24.97 2.00 -1.83
C ASP A 20 -26.13 1.34 -2.64
N LEU A 21 -26.20 1.61 -3.93
CA LEU A 21 -27.20 1.06 -4.86
C LEU A 21 -27.05 -0.46 -5.08
N ALA A 22 -25.79 -0.96 -5.20
CA ALA A 22 -25.47 -2.38 -5.38
C ALA A 22 -25.85 -3.20 -4.15
N THR A 23 -25.42 -2.76 -2.93
CA THR A 23 -25.77 -3.47 -1.69
C THR A 23 -27.28 -3.42 -1.39
N SER A 24 -27.95 -2.34 -1.83
CA SER A 24 -29.41 -2.17 -1.66
C SER A 24 -30.18 -3.18 -2.53
N LEU A 25 -29.62 -3.55 -3.69
CA LEU A 25 -30.23 -4.45 -4.65
C LEU A 25 -29.94 -5.91 -4.39
N VAL A 26 -28.69 -6.23 -4.04
CA VAL A 26 -28.17 -7.58 -3.87
C VAL A 26 -28.07 -8.06 -2.40
N LEU A 27 -27.57 -7.22 -1.49
CA LEU A 27 -27.34 -7.68 -0.12
C LEU A 27 -28.48 -7.43 0.85
N ASP A 28 -29.08 -6.24 0.80
CA ASP A 28 -30.14 -5.86 1.74
C ASP A 28 -31.39 -6.75 1.70
N PRO A 29 -31.99 -7.10 0.52
CA PRO A 29 -33.17 -8.01 0.53
C PRO A 29 -32.81 -9.44 0.97
N TYR A 30 -31.61 -9.95 0.59
CA TYR A 30 -31.10 -11.27 0.98
C TYR A 30 -30.91 -11.34 2.51
N LEU A 31 -30.27 -10.32 3.10
CA LEU A 31 -29.99 -10.28 4.54
C LEU A 31 -31.17 -9.89 5.39
N GLY A 32 -32.10 -9.12 4.83
CA GLY A 32 -33.28 -8.67 5.55
C GLY A 32 -33.10 -7.34 6.27
N PHE A 33 -31.97 -6.65 6.04
CA PHE A 33 -31.73 -5.33 6.64
C PHE A 33 -30.84 -4.50 5.75
N GLN A 34 -30.78 -3.19 6.01
CA GLN A 34 -29.94 -2.27 5.27
C GLN A 34 -28.52 -2.44 5.79
N THR A 35 -27.58 -2.85 4.92
CA THR A 35 -26.15 -2.96 5.22
C THR A 35 -25.56 -1.55 5.23
N HIS A 36 -24.30 -1.39 5.61
CA HIS A 36 -23.65 -0.09 5.65
C HIS A 36 -23.85 0.69 4.38
N LYS A 37 -24.07 2.01 4.54
CA LYS A 37 -24.26 2.94 3.44
C LYS A 37 -23.33 4.10 3.64
N MET A 38 -22.90 4.73 2.52
CA MET A 38 -22.11 5.94 2.47
C MET A 38 -23.04 7.16 2.54
N ASN A 39 -24.17 7.10 1.80
CA ASN A 39 -25.24 8.11 1.64
C ASN A 39 -24.75 9.39 0.98
N LYS A 69 -42.31 -7.11 2.59
CA LYS A 69 -42.04 -6.19 1.48
C LYS A 69 -41.98 -6.94 0.16
N GLY A 70 -42.83 -6.52 -0.78
CA GLY A 70 -42.97 -7.13 -2.11
C GLY A 70 -41.70 -7.06 -2.93
N ARG A 71 -41.11 -5.87 -3.02
CA ARG A 71 -39.88 -5.60 -3.75
C ARG A 71 -38.66 -6.34 -3.14
N GLN A 72 -38.61 -6.50 -1.79
CA GLN A 72 -37.54 -7.20 -1.08
C GLN A 72 -37.54 -8.69 -1.42
N GLU A 73 -38.72 -9.35 -1.33
CA GLU A 73 -38.93 -10.76 -1.68
C GLU A 73 -38.53 -11.00 -3.13
N GLU A 74 -39.01 -10.12 -4.06
CA GLU A 74 -38.71 -10.16 -5.49
C GLU A 74 -37.21 -10.07 -5.78
N LEU A 75 -36.47 -9.20 -5.04
CA LEU A 75 -35.01 -9.00 -5.17
C LEU A 75 -34.17 -10.15 -4.55
N LYS A 76 -34.67 -10.74 -3.44
CA LYS A 76 -34.08 -11.89 -2.77
C LYS A 76 -34.20 -13.13 -3.66
N GLU A 77 -35.35 -13.28 -4.37
CA GLU A 77 -35.66 -14.40 -5.26
C GLU A 77 -34.73 -14.46 -6.49
N VAL A 78 -34.35 -13.26 -7.02
CA VAL A 78 -33.41 -13.09 -8.13
C VAL A 78 -32.02 -13.62 -7.71
N ILE A 79 -31.63 -13.36 -6.44
CA ILE A 79 -30.39 -13.84 -5.85
C ILE A 79 -30.49 -15.35 -5.62
N GLU A 80 -31.62 -15.81 -5.05
CA GLU A 80 -31.89 -17.25 -4.84
C GLU A 80 -31.84 -18.04 -6.17
N ARG A 81 -32.30 -17.41 -7.31
CA ARG A 81 -32.23 -17.99 -8.65
C ARG A 81 -30.76 -18.00 -9.11
N PHE A 82 -30.04 -16.86 -8.98
CA PHE A 82 -28.61 -16.77 -9.38
C PHE A 82 -27.74 -17.83 -8.68
N LYS A 83 -28.02 -18.18 -7.41
CA LYS A 83 -27.25 -19.20 -6.70
C LYS A 83 -27.27 -20.55 -7.45
N LYS A 84 -28.41 -20.88 -8.09
CA LYS A 84 -28.63 -22.13 -8.84
C LYS A 84 -28.18 -22.11 -10.32
N ASP A 85 -28.43 -21.01 -11.05
CA ASP A 85 -28.11 -20.91 -12.49
C ASP A 85 -26.84 -20.10 -12.81
N GLU A 86 -26.46 -19.16 -11.92
CA GLU A 86 -25.27 -18.31 -12.00
C GLU A 86 -25.15 -17.50 -13.31
N HIS A 87 -26.30 -17.02 -13.83
CA HIS A 87 -26.29 -16.17 -15.01
C HIS A 87 -26.25 -14.74 -14.50
N LEU A 88 -25.10 -14.07 -14.68
CA LEU A 88 -24.82 -12.72 -14.17
C LEU A 88 -25.63 -11.60 -14.83
N GLU A 89 -25.70 -11.59 -16.17
CA GLU A 89 -26.37 -10.55 -16.95
C GLU A 89 -27.91 -10.54 -16.74
N LYS A 90 -28.53 -11.75 -16.66
CA LYS A 90 -29.99 -11.90 -16.47
C LYS A 90 -30.44 -11.48 -15.08
N ALA A 91 -29.64 -11.80 -14.06
CA ALA A 91 -29.91 -11.44 -12.66
C ALA A 91 -29.94 -9.90 -12.55
N PHE A 92 -28.92 -9.21 -13.13
CA PHE A 92 -28.81 -7.74 -13.18
C PHE A 92 -30.00 -7.11 -13.95
N LYS A 93 -30.44 -7.74 -15.02
CA LYS A 93 -31.60 -7.29 -15.82
C LYS A 93 -32.86 -7.33 -14.97
N CYS A 94 -32.99 -8.36 -14.12
CA CYS A 94 -34.10 -8.55 -13.18
C CYS A 94 -34.03 -7.55 -12.03
N LEU A 95 -32.81 -7.19 -11.58
CA LEU A 95 -32.61 -6.20 -10.52
C LEU A 95 -32.89 -4.77 -11.03
N THR A 96 -32.71 -4.51 -12.35
CA THR A 96 -32.91 -3.17 -12.91
C THR A 96 -34.09 -3.06 -13.90
N SER A 97 -35.06 -3.99 -13.84
CA SER A 97 -36.24 -3.98 -14.72
C SER A 97 -37.41 -3.11 -14.22
N GLY A 98 -37.46 -2.86 -12.91
CA GLY A 98 -38.52 -2.09 -12.26
C GLY A 98 -38.68 -0.65 -12.71
N GLU A 99 -39.83 -0.04 -12.35
CA GLU A 99 -40.17 1.35 -12.68
C GLU A 99 -39.22 2.36 -12.00
N TRP A 100 -38.56 1.93 -10.90
CA TRP A 100 -37.59 2.74 -10.14
C TRP A 100 -36.28 2.87 -10.92
N ALA A 101 -35.76 1.73 -11.42
CA ALA A 101 -34.51 1.67 -12.18
C ALA A 101 -34.63 2.26 -13.61
N ARG A 102 -35.86 2.35 -14.15
CA ARG A 102 -36.15 2.90 -15.48
C ARG A 102 -35.88 4.41 -15.52
N HIS A 103 -36.37 5.16 -14.51
CA HIS A 103 -36.18 6.60 -14.38
C HIS A 103 -34.76 6.98 -13.92
N TYR A 104 -34.16 6.17 -13.04
CA TYR A 104 -32.81 6.38 -12.48
C TYR A 104 -31.66 6.14 -13.46
N PHE A 105 -31.82 5.19 -14.41
CA PHE A 105 -30.76 4.86 -15.35
C PHE A 105 -30.96 5.46 -16.76
N LEU A 106 -31.60 6.66 -16.85
CA LEU A 106 -31.83 7.35 -18.13
C LEU A 106 -31.01 8.63 -18.28
N ASN A 107 -30.86 9.41 -17.19
CA ASN A 107 -30.08 10.65 -17.17
C ASN A 107 -28.60 10.37 -16.82
N LYS A 108 -28.04 9.28 -17.40
CA LYS A 108 -26.66 8.81 -17.24
C LYS A 108 -26.12 8.26 -18.58
N ASN A 109 -24.79 8.41 -18.84
CA ASN A 109 -24.22 7.96 -20.12
C ASN A 109 -23.83 6.45 -20.11
N LYS A 110 -23.22 5.96 -21.21
CA LYS A 110 -22.79 4.57 -21.39
C LYS A 110 -21.71 4.16 -20.40
N MET A 111 -20.79 5.10 -20.04
CA MET A 111 -19.71 4.86 -19.07
C MET A 111 -20.25 4.70 -17.63
N GLN A 112 -21.22 5.53 -17.21
CA GLN A 112 -21.81 5.46 -15.86
C GLN A 112 -22.64 4.18 -15.71
N GLU A 113 -23.29 3.75 -16.81
CA GLU A 113 -24.11 2.54 -16.83
C GLU A 113 -23.23 1.31 -16.71
N LYS A 114 -22.04 1.34 -17.36
CA LYS A 114 -21.04 0.26 -17.36
C LYS A 114 -20.44 0.07 -15.97
N LEU A 115 -19.93 1.16 -15.37
CA LEU A 115 -19.35 1.13 -14.03
C LEU A 115 -20.34 0.60 -13.00
N PHE A 116 -21.62 1.02 -13.08
CA PHE A 116 -22.64 0.56 -12.14
C PHE A 116 -22.89 -0.93 -12.30
N LYS A 117 -23.04 -1.41 -13.57
CA LYS A 117 -23.26 -2.82 -13.93
C LYS A 117 -22.15 -3.71 -13.36
N GLU A 118 -20.88 -3.30 -13.58
CA GLU A 118 -19.69 -3.99 -13.09
C GLU A 118 -19.66 -4.06 -11.56
N HIS A 119 -20.15 -3.01 -10.86
CA HIS A 119 -20.17 -2.98 -9.40
C HIS A 119 -21.25 -3.86 -8.85
N VAL A 120 -22.31 -4.10 -9.63
CA VAL A 120 -23.37 -5.01 -9.20
C VAL A 120 -22.83 -6.41 -9.42
N PHE A 121 -22.07 -6.63 -10.51
CA PHE A 121 -21.46 -7.92 -10.86
C PHE A 121 -20.56 -8.51 -9.76
N ILE A 122 -19.77 -7.65 -9.07
CA ILE A 122 -18.85 -8.06 -8.00
C ILE A 122 -19.63 -8.59 -6.80
N TYR A 123 -20.77 -7.96 -6.48
CA TYR A 123 -21.62 -8.41 -5.38
C TYR A 123 -22.34 -9.71 -5.73
N LEU A 124 -22.82 -9.88 -6.99
CA LEU A 124 -23.45 -11.13 -7.47
C LEU A 124 -22.43 -12.29 -7.44
N ARG A 125 -21.18 -12.07 -7.93
CA ARG A 125 -20.11 -13.09 -7.99
C ARG A 125 -19.82 -13.75 -6.65
N MET A 126 -20.12 -13.04 -5.54
CA MET A 126 -19.91 -13.57 -4.19
C MET A 126 -20.96 -14.65 -3.87
N PHE A 127 -22.08 -14.69 -4.64
CA PHE A 127 -23.14 -15.69 -4.50
C PHE A 127 -22.93 -16.94 -5.39
N ALA A 128 -21.86 -16.95 -6.20
CA ALA A 128 -21.49 -18.10 -7.02
C ALA A 128 -21.07 -19.27 -6.10
N THR A 129 -21.41 -20.51 -6.47
CA THR A 129 -21.13 -21.76 -5.74
C THR A 129 -19.63 -22.02 -5.46
N ASP A 130 -18.73 -21.39 -6.26
CA ASP A 130 -17.29 -21.54 -6.12
C ASP A 130 -16.60 -20.35 -5.41
N SER A 131 -17.38 -19.38 -4.85
CA SER A 131 -16.80 -18.23 -4.15
C SER A 131 -15.95 -18.62 -2.93
N GLY A 132 -16.40 -19.61 -2.15
CA GLY A 132 -15.71 -20.13 -0.98
C GLY A 132 -15.88 -19.30 0.28
N PHE A 133 -16.84 -18.35 0.26
CA PHE A 133 -17.20 -17.46 1.36
C PHE A 133 -18.69 -17.05 1.27
N GLU A 134 -19.23 -16.48 2.35
CA GLU A 134 -20.62 -16.01 2.45
C GLU A 134 -20.76 -14.81 3.41
N ILE A 135 -21.84 -14.02 3.25
CA ILE A 135 -22.18 -12.86 4.07
C ILE A 135 -23.28 -13.25 5.06
N LEU A 136 -23.08 -12.89 6.33
CA LEU A 136 -23.99 -13.24 7.41
C LEU A 136 -24.20 -12.07 8.35
N PRO A 137 -25.28 -12.03 9.18
CA PRO A 137 -25.41 -10.95 10.16
C PRO A 137 -24.31 -10.97 11.22
N CYS A 138 -24.01 -9.82 11.83
CA CYS A 138 -23.02 -9.68 12.88
C CYS A 138 -23.46 -8.56 13.84
N ASN A 139 -23.55 -8.90 15.14
CA ASN A 139 -23.94 -8.00 16.24
C ASN A 139 -22.81 -7.89 17.30
N ARG A 140 -21.57 -8.21 16.89
CA ARG A 140 -20.42 -8.19 17.79
C ARG A 140 -19.92 -6.79 18.17
N TYR A 141 -19.91 -5.88 17.21
CA TYR A 141 -19.34 -4.55 17.35
C TYR A 141 -20.36 -3.49 17.79
N SER A 142 -20.03 -2.78 18.89
CA SER A 142 -20.81 -1.70 19.50
C SER A 142 -20.93 -0.47 18.60
N SER A 143 -19.94 -0.28 17.71
CA SER A 143 -19.79 0.82 16.75
C SER A 143 -20.86 0.82 15.66
N GLU A 144 -21.71 -0.24 15.61
CA GLU A 144 -22.72 -0.40 14.58
C GLU A 144 -23.90 -1.31 14.97
N GLN A 145 -25.03 -1.05 14.33
CA GLN A 145 -26.26 -1.84 14.32
C GLN A 145 -26.32 -2.31 12.85
N ASN A 146 -27.12 -3.34 12.54
CA ASN A 146 -27.20 -3.87 11.16
C ASN A 146 -25.81 -4.25 10.56
N GLY A 147 -24.93 -4.82 11.39
CA GLY A 147 -23.61 -5.27 10.98
C GLY A 147 -23.68 -6.53 10.16
N ALA A 148 -22.61 -6.83 9.44
CA ALA A 148 -22.50 -8.04 8.61
C ALA A 148 -21.08 -8.50 8.70
N LYS A 149 -20.84 -9.76 8.31
CA LYS A 149 -19.50 -10.37 8.35
C LYS A 149 -19.29 -11.32 7.15
N ILE A 150 -18.01 -11.66 6.87
CA ILE A 150 -17.61 -12.58 5.81
C ILE A 150 -17.05 -13.85 6.45
N VAL A 151 -17.65 -14.99 6.10
CA VAL A 151 -17.33 -16.30 6.64
C VAL A 151 -16.98 -17.27 5.50
N ALA A 152 -15.91 -18.08 5.68
CA ALA A 152 -15.49 -19.09 4.71
C ALA A 152 -16.53 -20.21 4.64
N THR A 153 -16.76 -20.78 3.46
CA THR A 153 -17.71 -21.89 3.27
C THR A 153 -16.96 -23.16 2.85
N LYS A 154 -15.66 -23.01 2.57
CA LYS A 154 -14.74 -24.09 2.18
C LYS A 154 -13.35 -23.86 2.80
N GLU A 155 -12.48 -24.86 2.66
CA GLU A 155 -11.11 -24.82 3.16
C GLU A 155 -10.22 -23.96 2.27
N TRP A 156 -9.48 -23.04 2.89
CA TRP A 156 -8.51 -22.19 2.20
C TRP A 156 -7.12 -22.50 2.76
N LYS A 157 -6.12 -22.52 1.89
CA LYS A 157 -4.75 -22.83 2.25
C LYS A 157 -3.90 -21.58 2.34
N ARG A 158 -2.85 -21.59 3.15
CA ARG A 158 -1.95 -20.43 3.29
C ARG A 158 -1.47 -19.96 1.89
N ASN A 159 -1.58 -18.66 1.63
CA ASN A 159 -1.19 -17.94 0.40
C ASN A 159 -2.26 -17.98 -0.73
N ASP A 160 -3.40 -18.69 -0.54
CA ASP A 160 -4.49 -18.70 -1.51
C ASP A 160 -5.11 -17.30 -1.57
N LYS A 161 -5.35 -16.79 -2.78
CA LYS A 161 -6.01 -15.50 -2.96
C LYS A 161 -7.50 -15.79 -3.15
N ILE A 162 -8.35 -15.08 -2.37
CA ILE A 162 -9.81 -15.17 -2.43
C ILE A 162 -10.25 -14.11 -3.43
N GLU A 163 -10.13 -14.50 -4.71
CA GLU A 163 -10.36 -13.70 -5.93
C GLU A 163 -11.69 -13.00 -6.01
N LEU A 164 -12.77 -13.62 -5.48
CA LEU A 164 -14.12 -13.06 -5.54
C LEU A 164 -14.42 -12.11 -4.36
N LEU A 165 -13.57 -12.13 -3.32
CA LEU A 165 -13.75 -11.24 -2.16
C LEU A 165 -12.92 -9.98 -2.41
N VAL A 166 -13.48 -9.07 -3.23
CA VAL A 166 -12.85 -7.86 -3.77
C VAL A 166 -13.33 -6.52 -3.19
N GLY A 167 -12.45 -5.53 -3.27
CA GLY A 167 -12.70 -4.14 -2.89
C GLY A 167 -12.25 -3.22 -4.01
N CYS A 168 -12.81 -2.01 -4.06
CA CYS A 168 -12.51 -0.96 -5.04
C CYS A 168 -12.07 0.23 -4.23
N ILE A 169 -11.02 0.89 -4.67
CA ILE A 169 -10.55 2.09 -3.99
C ILE A 169 -10.79 3.34 -4.81
N ALA A 170 -11.12 4.44 -4.13
CA ALA A 170 -11.09 5.78 -4.68
C ALA A 170 -10.28 6.57 -3.62
N GLU A 171 -9.38 7.41 -4.07
CA GLU A 171 -8.60 8.25 -3.17
C GLU A 171 -9.36 9.58 -3.03
N LEU A 172 -9.39 10.13 -1.82
CA LEU A 172 -10.15 11.35 -1.54
C LEU A 172 -9.24 12.55 -1.35
N SER A 173 -9.59 13.68 -1.99
CA SER A 173 -8.88 14.93 -1.82
C SER A 173 -9.44 15.51 -0.52
N GLU A 174 -8.73 16.45 0.12
CA GLU A 174 -9.23 17.03 1.36
C GLU A 174 -10.67 17.55 1.23
N ILE A 175 -11.01 18.18 0.08
CA ILE A 175 -12.36 18.70 -0.25
C ILE A 175 -13.36 17.52 -0.30
N GLU A 176 -12.97 16.40 -0.94
CA GLU A 176 -13.78 15.17 -1.04
C GLU A 176 -14.01 14.56 0.34
N GLU A 177 -13.01 14.64 1.24
CA GLU A 177 -13.06 14.18 2.63
C GLU A 177 -14.09 15.02 3.39
N ASN A 178 -13.98 16.36 3.30
CA ASN A 178 -14.86 17.34 3.91
C ASN A 178 -16.29 17.15 3.42
N MET A 179 -16.46 16.88 2.10
CA MET A 179 -17.78 16.74 1.50
C MET A 179 -18.47 15.43 1.81
N LEU A 180 -17.79 14.29 1.60
CA LEU A 180 -18.36 12.93 1.69
C LEU A 180 -18.25 12.21 3.03
N LEU A 181 -17.28 12.57 3.87
CA LEU A 181 -17.08 11.80 5.10
C LEU A 181 -17.65 12.40 6.37
N ARG A 182 -18.19 11.51 7.17
CA ARG A 182 -18.70 11.76 8.50
C ARG A 182 -18.05 10.75 9.45
N HIS A 183 -17.08 11.25 10.26
CA HIS A 183 -16.29 10.52 11.26
C HIS A 183 -17.16 9.64 12.19
N GLY A 184 -16.86 8.35 12.20
CA GLY A 184 -17.58 7.36 12.99
C GLY A 184 -18.95 7.00 12.43
N GLU A 185 -19.33 7.59 11.26
CA GLU A 185 -20.60 7.28 10.62
C GLU A 185 -20.44 6.54 9.29
N ASN A 186 -19.64 7.05 8.34
CA ASN A 186 -19.51 6.34 7.07
C ASN A 186 -18.04 6.11 6.66
N ASP A 187 -17.12 6.19 7.65
CA ASP A 187 -15.68 5.98 7.40
C ASP A 187 -15.25 4.65 8.02
N PHE A 188 -16.12 3.65 7.97
CA PHE A 188 -15.87 2.30 8.47
C PHE A 188 -14.78 1.57 7.63
N SER A 189 -14.63 1.93 6.35
CA SER A 189 -13.66 1.34 5.39
C SER A 189 -12.77 2.42 4.75
N VAL A 190 -12.40 3.43 5.54
CA VAL A 190 -11.54 4.51 5.06
C VAL A 190 -10.21 4.35 5.75
N MET A 191 -9.12 4.38 4.97
CA MET A 191 -7.80 4.35 5.59
C MET A 191 -7.02 5.56 5.16
N TYR A 192 -6.07 6.00 6.00
CA TYR A 192 -5.23 7.17 5.68
CA TYR A 192 -5.25 7.16 5.65
C TYR A 192 -3.83 6.71 5.33
N SER A 193 -3.39 7.01 4.09
CA SER A 193 -2.07 6.65 3.61
C SER A 193 -1.05 7.69 4.12
N THR A 194 0.04 7.25 4.79
CA THR A 194 1.11 8.17 5.23
C THR A 194 1.99 8.59 4.04
N ARG A 195 2.22 7.68 3.07
CA ARG A 195 3.01 7.96 1.89
C ARG A 195 2.32 8.99 0.96
N LYS A 196 1.00 8.84 0.74
CA LYS A 196 0.26 9.71 -0.16
C LYS A 196 -0.42 10.91 0.50
N ASN A 197 -0.67 10.85 1.84
CA ASN A 197 -1.30 11.90 2.68
C ASN A 197 -2.75 12.17 2.26
N CYS A 198 -3.47 11.10 1.94
CA CYS A 198 -4.85 11.16 1.48
C CYS A 198 -5.65 10.00 2.07
N ALA A 199 -6.97 10.20 2.13
CA ALA A 199 -7.92 9.21 2.60
C ALA A 199 -8.13 8.24 1.44
N GLN A 200 -8.26 6.96 1.75
CA GLN A 200 -8.44 5.90 0.78
C GLN A 200 -9.68 5.14 1.14
N LEU A 201 -10.71 5.29 0.35
CA LEU A 201 -11.97 4.63 0.61
C LEU A 201 -12.05 3.31 -0.16
N TRP A 202 -12.31 2.24 0.56
CA TRP A 202 -12.40 0.92 -0.03
C TRP A 202 -13.81 0.40 0.12
N LEU A 203 -14.47 0.01 -0.96
CA LEU A 203 -15.85 -0.48 -0.92
C LEU A 203 -16.04 -1.72 -1.80
N GLY A 204 -17.01 -2.55 -1.45
CA GLY A 204 -17.29 -3.80 -2.14
C GLY A 204 -17.45 -4.94 -1.16
N PRO A 205 -17.59 -6.20 -1.65
CA PRO A 205 -17.68 -7.36 -0.74
C PRO A 205 -16.64 -7.36 0.39
N ALA A 206 -15.36 -7.05 0.09
CA ALA A 206 -14.28 -7.09 1.09
C ALA A 206 -14.40 -6.00 2.16
N ALA A 207 -15.32 -4.99 1.97
CA ALA A 207 -15.63 -3.96 2.99
C ALA A 207 -16.51 -4.56 4.12
N PHE A 208 -16.88 -5.84 3.98
CA PHE A 208 -17.70 -6.53 4.97
C PHE A 208 -16.85 -7.47 5.89
N ILE A 209 -15.52 -7.50 5.66
CA ILE A 209 -14.53 -8.26 6.44
C ILE A 209 -14.19 -7.49 7.72
N ASN A 210 -14.33 -8.15 8.87
CA ASN A 210 -14.04 -7.52 10.16
C ASN A 210 -12.56 -7.57 10.55
N HIS A 211 -12.14 -6.65 11.44
CA HIS A 211 -10.76 -6.57 11.92
C HIS A 211 -10.50 -7.54 13.07
N ASP A 212 -9.31 -8.16 13.02
CA ASP A 212 -8.71 -9.02 14.04
C ASP A 212 -7.23 -8.73 14.14
N CYS A 213 -6.71 -8.70 15.36
CA CYS A 213 -5.29 -8.41 15.64
C CYS A 213 -4.33 -9.57 15.32
N ARG A 214 -4.90 -10.76 15.12
CA ARG A 214 -4.21 -11.99 14.70
C ARG A 214 -5.08 -12.47 13.54
N PRO A 215 -5.01 -11.77 12.37
CA PRO A 215 -5.92 -12.11 11.27
C PRO A 215 -5.52 -13.32 10.45
N ASN A 216 -6.50 -13.95 9.77
CA ASN A 216 -6.21 -15.09 8.91
C ASN A 216 -5.97 -14.67 7.45
N CYS A 217 -6.26 -13.40 7.11
CA CYS A 217 -6.12 -12.83 5.77
C CYS A 217 -5.42 -11.48 5.75
N LYS A 218 -5.15 -10.98 4.54
CA LYS A 218 -4.53 -9.71 4.24
C LYS A 218 -4.96 -9.20 2.88
N PHE A 219 -5.19 -7.90 2.82
CA PHE A 219 -5.57 -7.23 1.60
C PHE A 219 -4.35 -7.16 0.71
N VAL A 220 -4.49 -7.65 -0.52
CA VAL A 220 -3.43 -7.62 -1.53
C VAL A 220 -3.98 -6.96 -2.77
N SER A 221 -3.17 -6.11 -3.41
CA SER A 221 -3.55 -5.42 -4.65
C SER A 221 -3.70 -6.39 -5.83
N THR A 222 -4.74 -6.22 -6.64
CA THR A 222 -4.96 -7.04 -7.85
C THR A 222 -5.10 -6.09 -9.06
N GLY A 223 -4.64 -4.86 -8.88
CA GLY A 223 -4.69 -3.77 -9.86
C GLY A 223 -4.68 -2.43 -9.17
N ARG A 224 -4.55 -1.34 -9.93
CA ARG A 224 -4.47 0.05 -9.43
C ARG A 224 -5.63 0.49 -8.57
N ASP A 225 -6.85 0.07 -8.95
CA ASP A 225 -8.11 0.43 -8.28
C ASP A 225 -8.70 -0.74 -7.50
N THR A 226 -8.08 -1.93 -7.55
CA THR A 226 -8.66 -3.13 -6.92
C THR A 226 -7.68 -3.90 -6.00
N ALA A 227 -8.27 -4.81 -5.22
CA ALA A 227 -7.68 -5.71 -4.25
C ALA A 227 -8.65 -6.82 -3.97
N CYS A 228 -8.15 -7.89 -3.37
CA CYS A 228 -8.89 -9.03 -2.83
C CYS A 228 -8.20 -9.44 -1.52
N VAL A 229 -8.46 -10.64 -1.00
CA VAL A 229 -7.76 -11.11 0.21
C VAL A 229 -6.93 -12.35 -0.10
N LYS A 230 -5.90 -12.58 0.71
CA LYS A 230 -4.96 -13.70 0.60
C LYS A 230 -4.89 -14.31 1.98
N ALA A 231 -5.00 -15.64 2.09
CA ALA A 231 -4.92 -16.35 3.35
C ALA A 231 -3.48 -16.28 3.90
N LEU A 232 -3.31 -15.70 5.10
CA LEU A 232 -2.03 -15.60 5.80
C LEU A 232 -1.67 -16.94 6.47
N ARG A 233 -2.68 -17.82 6.63
CA ARG A 233 -2.61 -19.18 7.22
C ARG A 233 -3.80 -20.02 6.71
N ASP A 234 -3.86 -21.33 7.04
CA ASP A 234 -4.98 -22.20 6.64
C ASP A 234 -6.28 -21.72 7.29
N ILE A 235 -7.42 -21.85 6.57
CA ILE A 235 -8.76 -21.45 7.02
C ILE A 235 -9.75 -22.61 6.80
N GLU A 236 -10.51 -22.98 7.84
CA GLU A 236 -11.49 -24.07 7.78
C GLU A 236 -12.90 -23.55 7.38
N PRO A 237 -13.87 -24.38 6.94
CA PRO A 237 -15.22 -23.84 6.65
C PRO A 237 -15.91 -23.41 7.96
N GLY A 238 -16.69 -22.33 7.90
CA GLY A 238 -17.42 -21.79 9.04
C GLY A 238 -16.62 -20.79 9.87
N GLU A 239 -15.37 -20.51 9.43
CA GLU A 239 -14.45 -19.57 10.06
C GLU A 239 -14.59 -18.19 9.41
N GLU A 240 -14.64 -17.14 10.24
CA GLU A 240 -14.77 -15.77 9.76
C GLU A 240 -13.45 -15.31 9.08
N ILE A 241 -13.58 -14.54 7.99
CA ILE A 241 -12.44 -13.99 7.27
C ILE A 241 -12.08 -12.69 7.99
N SER A 242 -10.81 -12.51 8.29
CA SER A 242 -10.41 -11.33 9.04
C SER A 242 -9.13 -10.77 8.50
N CYS A 243 -8.96 -9.46 8.62
CA CYS A 243 -7.74 -8.75 8.24
C CYS A 243 -7.38 -7.77 9.37
N TYR A 244 -6.15 -7.24 9.35
CA TYR A 244 -5.70 -6.24 10.32
C TYR A 244 -5.79 -4.92 9.59
N TYR A 245 -6.68 -3.99 10.04
CA TYR A 245 -6.83 -2.70 9.35
C TYR A 245 -5.60 -1.80 9.47
N GLY A 246 -5.00 -1.74 10.67
CA GLY A 246 -3.84 -0.91 10.97
C GLY A 246 -3.59 -0.78 12.46
N ASP A 247 -2.50 -0.05 12.85
CA ASP A 247 -2.09 0.13 14.25
C ASP A 247 -2.94 1.09 15.09
N GLY A 248 -3.64 2.03 14.47
CA GLY A 248 -4.47 2.98 15.19
C GLY A 248 -5.92 3.14 14.73
N PHE A 249 -6.57 2.06 14.27
CA PHE A 249 -7.97 2.07 13.80
C PHE A 249 -9.00 2.21 14.91
N PHE A 250 -8.81 1.49 16.02
CA PHE A 250 -9.76 1.56 17.14
C PHE A 250 -9.11 2.35 18.32
N GLY A 251 -8.75 3.59 18.03
CA GLY A 251 -8.02 4.48 18.91
C GLY A 251 -6.54 4.21 18.73
N GLU A 252 -5.68 5.03 19.36
CA GLU A 252 -4.22 4.89 19.31
C GLU A 252 -3.85 3.52 19.90
N ASN A 253 -2.98 2.76 19.20
CA ASN A 253 -2.55 1.41 19.57
C ASN A 253 -3.76 0.45 19.68
N ASN A 254 -4.83 0.71 18.89
CA ASN A 254 -6.11 -0.03 18.86
C ASN A 254 -6.69 -0.36 20.25
N GLU A 255 -6.57 0.61 21.18
CA GLU A 255 -7.01 0.55 22.58
C GLU A 255 -8.51 0.22 22.78
N PHE A 256 -9.36 0.50 21.77
CA PHE A 256 -10.81 0.23 21.83
C PHE A 256 -11.28 -0.88 20.86
N CYS A 257 -10.34 -1.73 20.36
CA CYS A 257 -10.64 -2.84 19.48
C CYS A 257 -11.43 -3.89 20.23
N GLU A 258 -12.40 -4.48 19.56
CA GLU A 258 -13.35 -5.44 20.11
C GLU A 258 -13.23 -6.80 19.46
N CYS A 259 -12.04 -7.12 18.85
CA CYS A 259 -11.87 -8.42 18.21
C CYS A 259 -11.74 -9.57 19.24
N TYR A 260 -11.95 -10.82 18.76
CA TYR A 260 -11.86 -12.07 19.54
C TYR A 260 -10.47 -12.23 20.16
N THR A 261 -9.41 -11.77 19.46
CA THR A 261 -8.02 -11.83 19.93
C THR A 261 -7.81 -10.89 21.14
N CYS A 262 -8.43 -9.71 21.14
CA CYS A 262 -8.35 -8.75 22.26
C CYS A 262 -9.13 -9.28 23.49
N GLU A 263 -10.23 -10.03 23.24
CA GLU A 263 -11.09 -10.65 24.27
C GLU A 263 -10.28 -11.77 24.93
N ARG A 264 -9.54 -12.56 24.08
CA ARG A 264 -8.72 -13.68 24.53
C ARG A 264 -7.54 -13.18 25.35
N ARG A 265 -6.68 -12.34 24.74
CA ARG A 265 -5.47 -11.75 25.33
C ARG A 265 -5.73 -10.70 26.45
N GLY A 266 -7.00 -10.38 26.71
CA GLY A 266 -7.41 -9.40 27.73
C GLY A 266 -6.90 -7.99 27.45
N THR A 267 -6.88 -7.60 26.15
CA THR A 267 -6.40 -6.32 25.61
C THR A 267 -7.56 -5.54 24.95
N GLY A 268 -7.24 -4.43 24.26
CA GLY A 268 -8.21 -3.58 23.56
C GLY A 268 -9.33 -3.07 24.46
N ALA A 269 -10.59 -3.15 24.00
CA ALA A 269 -11.75 -2.70 24.79
C ALA A 269 -12.10 -3.69 25.94
N PHE A 270 -11.49 -4.88 25.94
CA PHE A 270 -11.71 -5.94 26.92
C PHE A 270 -10.86 -5.77 28.19
N LYS A 271 -9.64 -5.20 28.04
CA LYS A 271 -8.63 -4.91 29.08
C LYS A 271 -9.21 -4.21 30.29
N GLY B 9 25.10 -10.31 7.47
CA GLY B 9 23.99 -9.95 6.60
C GLY B 9 22.70 -9.68 7.32
N MET B 10 21.86 -8.80 6.73
CA MET B 10 20.58 -8.39 7.29
C MET B 10 19.39 -9.15 6.74
N SER B 11 18.48 -9.56 7.65
CA SER B 11 17.20 -10.18 7.30
C SER B 11 16.30 -9.04 6.77
N ALA B 12 15.14 -9.34 6.22
CA ALA B 12 14.26 -8.29 5.72
C ALA B 12 13.73 -7.36 6.82
N LYS B 13 13.41 -7.91 8.02
CA LYS B 13 12.93 -7.16 9.18
C LYS B 13 14.00 -6.20 9.72
N GLU B 14 15.25 -6.66 9.80
CA GLU B 14 16.39 -5.88 10.25
C GLU B 14 16.70 -4.73 9.29
N LEU B 15 16.55 -4.96 7.97
CA LEU B 15 16.78 -3.90 6.97
C LEU B 15 15.73 -2.79 7.08
N CYS B 16 14.41 -3.15 7.13
CA CYS B 16 13.30 -2.20 7.32
C CYS B 16 13.57 -1.27 8.51
N GLU B 17 13.78 -1.87 9.69
CA GLU B 17 14.02 -1.19 10.96
C GLU B 17 15.30 -0.36 10.99
N ASN B 18 16.42 -0.93 10.54
CA ASN B 18 17.73 -0.21 10.46
C ASN B 18 17.71 0.93 9.45
N ASP B 19 16.93 0.77 8.35
CA ASP B 19 16.81 1.81 7.35
C ASP B 19 15.96 2.95 7.86
N ASP B 20 14.83 2.60 8.50
CA ASP B 20 13.89 3.53 9.09
C ASP B 20 14.61 4.35 10.14
N LEU B 21 15.36 3.68 11.02
CA LEU B 21 16.09 4.33 12.09
C LEU B 21 17.22 5.25 11.59
N ALA B 22 17.94 4.83 10.51
CA ALA B 22 19.00 5.57 9.85
C ALA B 22 18.52 6.88 9.18
N THR B 23 17.47 6.81 8.33
CA THR B 23 16.93 7.99 7.64
C THR B 23 16.29 8.99 8.62
N SER B 24 15.75 8.50 9.75
CA SER B 24 15.14 9.32 10.78
C SER B 24 16.21 10.17 11.51
N LEU B 25 17.44 9.63 11.63
CA LEU B 25 18.55 10.26 12.33
C LEU B 25 19.36 11.18 11.47
N VAL B 26 19.63 10.77 10.23
CA VAL B 26 20.51 11.46 9.28
C VAL B 26 19.77 12.29 8.21
N LEU B 27 18.70 11.76 7.60
CA LEU B 27 18.06 12.47 6.48
C LEU B 27 16.89 13.36 6.86
N ASP B 28 16.02 12.89 7.74
CA ASP B 28 14.80 13.63 8.13
C ASP B 28 15.07 15.00 8.78
N PRO B 29 16.01 15.15 9.77
CA PRO B 29 16.27 16.50 10.32
C PRO B 29 16.94 17.46 9.32
N TYR B 30 17.85 16.94 8.47
CA TYR B 30 18.53 17.69 7.41
C TYR B 30 17.51 18.20 6.38
N LEU B 31 16.59 17.32 5.90
CA LEU B 31 15.60 17.67 4.90
C LEU B 31 14.42 18.45 5.43
N GLY B 32 14.09 18.26 6.70
CA GLY B 32 12.97 18.94 7.34
C GLY B 32 11.64 18.23 7.21
N PHE B 33 11.67 16.94 6.80
CA PHE B 33 10.46 16.11 6.68
C PHE B 33 10.82 14.66 6.81
N GLN B 34 9.82 13.83 7.08
CA GLN B 34 10.01 12.37 7.17
C GLN B 34 10.12 11.83 5.76
N THR B 35 11.27 11.23 5.43
CA THR B 35 11.51 10.55 4.14
C THR B 35 10.75 9.22 4.17
N HIS B 36 10.73 8.48 3.05
CA HIS B 36 10.04 7.19 2.99
C HIS B 36 10.40 6.28 4.16
N LYS B 37 9.40 5.57 4.67
CA LYS B 37 9.55 4.62 5.76
C LYS B 37 8.92 3.30 5.34
N MET B 38 9.47 2.19 5.89
CA MET B 38 8.95 0.85 5.71
C MET B 38 7.88 0.60 6.77
N ASN B 39 8.18 1.02 8.02
CA ASN B 39 7.37 0.93 9.25
C ASN B 39 7.03 -0.51 9.62
N LYS B 69 12.44 19.47 15.48
CA LYS B 69 13.07 20.69 15.99
C LYS B 69 14.16 20.35 17.01
N GLY B 70 15.30 21.05 16.91
CA GLY B 70 16.46 20.81 17.77
C GLY B 70 17.41 19.78 17.18
N ARG B 71 16.84 18.69 16.62
CA ARG B 71 17.57 17.60 15.96
C ARG B 71 18.29 18.07 14.68
N GLN B 72 17.71 19.06 13.95
CA GLN B 72 18.30 19.64 12.73
C GLN B 72 19.59 20.39 13.04
N GLU B 73 19.56 21.29 14.05
CA GLU B 73 20.71 22.06 14.55
C GLU B 73 21.83 21.10 14.98
N GLU B 74 21.49 20.06 15.80
CA GLU B 74 22.40 19.02 16.33
C GLU B 74 23.02 18.16 15.20
N LEU B 75 22.18 17.69 14.24
CA LEU B 75 22.63 16.89 13.10
C LEU B 75 23.47 17.72 12.13
N LYS B 76 23.16 19.03 11.96
CA LYS B 76 23.92 19.93 11.09
C LYS B 76 25.36 20.05 11.59
N GLU B 77 25.53 20.13 12.94
CA GLU B 77 26.84 20.22 13.62
C GLU B 77 27.63 18.90 13.50
N VAL B 78 26.95 17.71 13.66
CA VAL B 78 27.54 16.35 13.55
C VAL B 78 28.17 16.21 12.15
N ILE B 79 27.35 16.40 11.11
CA ILE B 79 27.73 16.36 9.71
C ILE B 79 28.83 17.42 9.36
N GLU B 80 28.83 18.60 10.01
CA GLU B 80 29.84 19.64 9.80
C GLU B 80 31.20 19.14 10.29
N ARG B 81 31.23 18.57 11.54
CA ARG B 81 32.44 17.97 12.15
C ARG B 81 32.94 16.83 11.27
N PHE B 82 32.02 15.93 10.86
CA PHE B 82 32.24 14.77 9.99
C PHE B 82 32.83 15.16 8.64
N LYS B 83 32.40 16.29 8.05
CA LYS B 83 32.92 16.80 6.76
C LYS B 83 34.43 17.14 6.85
N LYS B 84 34.93 17.50 8.06
CA LYS B 84 36.35 17.83 8.31
C LYS B 84 37.21 16.65 8.82
N ASP B 85 36.65 15.79 9.70
CA ASP B 85 37.34 14.65 10.34
C ASP B 85 36.97 13.25 9.79
N GLU B 86 35.89 13.14 8.98
CA GLU B 86 35.37 11.93 8.32
C GLU B 86 35.45 10.66 9.20
N HIS B 87 35.28 10.83 10.52
CA HIS B 87 35.31 9.74 11.47
C HIS B 87 33.88 9.34 11.71
N LEU B 88 33.46 8.15 11.21
CA LEU B 88 32.08 7.64 11.29
C LEU B 88 31.64 7.20 12.72
N GLU B 89 32.51 6.48 13.50
CA GLU B 89 32.20 6.06 14.89
C GLU B 89 31.92 7.25 15.80
N LYS B 90 32.66 8.38 15.63
CA LYS B 90 32.46 9.61 16.40
C LYS B 90 31.08 10.25 16.13
N ALA B 91 30.70 10.40 14.84
CA ALA B 91 29.43 10.96 14.34
C ALA B 91 28.25 10.10 14.76
N PHE B 92 28.38 8.76 14.61
CA PHE B 92 27.38 7.78 15.04
C PHE B 92 27.16 7.95 16.56
N LYS B 93 28.25 7.83 17.37
CA LYS B 93 28.18 7.96 18.84
C LYS B 93 27.46 9.24 19.32
N CYS B 94 27.54 10.33 18.54
CA CYS B 94 26.89 11.60 18.79
C CYS B 94 25.39 11.46 18.57
N LEU B 95 24.99 10.95 17.39
CA LEU B 95 23.60 10.76 16.98
C LEU B 95 22.85 9.71 17.83
N THR B 96 23.59 8.76 18.45
CA THR B 96 23.04 7.70 19.30
C THR B 96 23.32 7.90 20.81
N SER B 97 23.61 9.14 21.25
CA SER B 97 23.90 9.44 22.66
C SER B 97 22.64 9.85 23.41
N PHE B 105 18.48 -0.20 22.15
CA PHE B 105 19.84 -0.72 21.93
C PHE B 105 20.22 -1.82 22.92
N LEU B 106 19.74 -1.72 24.17
CA LEU B 106 20.02 -2.64 25.28
C LEU B 106 19.50 -4.07 25.06
N ASN B 107 18.33 -4.21 24.43
CA ASN B 107 17.70 -5.49 24.13
C ASN B 107 18.17 -6.04 22.76
N LYS B 108 19.49 -5.86 22.47
CA LYS B 108 20.17 -6.28 21.24
C LYS B 108 21.61 -6.77 21.54
N ASN B 109 22.13 -7.67 20.68
CA ASN B 109 23.48 -8.26 20.79
C ASN B 109 24.50 -7.43 19.97
N LYS B 110 25.79 -7.79 20.03
CA LYS B 110 26.88 -7.08 19.34
C LYS B 110 26.75 -7.09 17.82
N MET B 111 26.18 -8.17 17.25
CA MET B 111 25.92 -8.31 15.81
C MET B 111 24.82 -7.34 15.32
N GLN B 112 23.73 -7.17 16.10
CA GLN B 112 22.63 -6.25 15.75
C GLN B 112 23.08 -4.80 15.83
N GLU B 113 23.90 -4.49 16.85
CA GLU B 113 24.51 -3.16 17.02
C GLU B 113 25.41 -2.83 15.79
N LYS B 114 26.24 -3.80 15.35
CA LYS B 114 27.16 -3.65 14.25
C LYS B 114 26.45 -3.37 12.93
N LEU B 115 25.46 -4.21 12.58
CA LEU B 115 24.67 -4.03 11.38
C LEU B 115 23.96 -2.65 11.34
N PHE B 116 23.40 -2.22 12.48
CA PHE B 116 22.73 -0.91 12.55
C PHE B 116 23.73 0.22 12.33
N LYS B 117 24.91 0.14 13.02
CA LYS B 117 26.00 1.13 12.92
C LYS B 117 26.46 1.28 11.46
N GLU B 118 26.68 0.15 10.77
CA GLU B 118 27.09 0.10 9.35
C GLU B 118 26.05 0.74 8.44
N HIS B 119 24.76 0.59 8.76
CA HIS B 119 23.67 1.17 7.96
C HIS B 119 23.56 2.66 8.19
N VAL B 120 23.98 3.14 9.35
CA VAL B 120 23.98 4.58 9.61
C VAL B 120 25.18 5.15 8.86
N PHE B 121 26.31 4.39 8.82
CA PHE B 121 27.55 4.80 8.15
C PHE B 121 27.37 5.13 6.66
N ILE B 122 26.54 4.34 5.94
CA ILE B 122 26.26 4.51 4.52
C ILE B 122 25.53 5.82 4.25
N TYR B 123 24.62 6.21 5.13
CA TYR B 123 23.89 7.45 5.01
C TYR B 123 24.79 8.65 5.33
N LEU B 124 25.71 8.48 6.30
CA LEU B 124 26.66 9.51 6.69
C LEU B 124 27.64 9.78 5.57
N ARG B 125 28.21 8.72 4.95
CA ARG B 125 29.20 8.77 3.85
C ARG B 125 28.71 9.57 2.64
N MET B 126 27.37 9.69 2.45
CA MET B 126 26.81 10.45 1.35
C MET B 126 27.00 11.96 1.59
N PHE B 127 27.25 12.37 2.87
CA PHE B 127 27.50 13.75 3.25
C PHE B 127 28.99 14.14 3.23
N ALA B 128 29.87 13.20 2.82
CA ALA B 128 31.30 13.45 2.65
C ALA B 128 31.47 14.45 1.48
N THR B 129 32.45 15.39 1.60
CA THR B 129 32.72 16.47 0.63
C THR B 129 33.06 15.97 -0.81
N ASP B 130 33.53 14.72 -0.93
CA ASP B 130 33.92 14.10 -2.20
C ASP B 130 32.88 13.08 -2.72
N SER B 131 31.67 13.03 -2.13
CA SER B 131 30.63 12.05 -2.54
C SER B 131 30.22 12.20 -4.00
N GLY B 132 30.04 13.45 -4.44
CA GLY B 132 29.68 13.80 -5.82
C GLY B 132 28.21 13.77 -6.15
N PHE B 133 27.36 13.66 -5.11
CA PHE B 133 25.91 13.70 -5.17
C PHE B 133 25.31 14.28 -3.87
N GLU B 134 24.01 14.62 -3.90
CA GLU B 134 23.26 15.17 -2.76
C GLU B 134 21.78 14.77 -2.80
N ILE B 135 21.11 14.81 -1.63
CA ILE B 135 19.69 14.52 -1.49
C ILE B 135 18.90 15.84 -1.38
N LEU B 136 17.81 15.96 -2.15
CA LEU B 136 17.03 17.19 -2.12
C LEU B 136 15.55 16.84 -2.14
N PRO B 137 14.62 17.81 -1.87
CA PRO B 137 13.17 17.50 -1.96
C PRO B 137 12.70 17.26 -3.40
N CYS B 138 11.62 16.48 -3.56
CA CYS B 138 11.02 16.18 -4.87
C CYS B 138 9.51 16.03 -4.72
N ASN B 139 8.75 16.81 -5.50
CA ASN B 139 7.28 16.83 -5.51
C ASN B 139 6.71 16.48 -6.91
N ARG B 140 7.52 15.84 -7.77
CA ARG B 140 7.11 15.47 -9.12
C ARG B 140 6.10 14.29 -9.17
N TYR B 141 6.32 13.27 -8.37
CA TYR B 141 5.53 12.02 -8.42
C TYR B 141 4.29 12.04 -7.55
N SER B 142 3.13 11.75 -8.20
CA SER B 142 1.79 11.71 -7.61
C SER B 142 1.62 10.60 -6.58
N SER B 143 2.43 9.52 -6.74
CA SER B 143 2.46 8.30 -5.93
C SER B 143 2.97 8.55 -4.49
N GLU B 144 3.45 9.77 -4.20
CA GLU B 144 4.02 10.11 -2.90
C GLU B 144 3.98 11.61 -2.55
N GLN B 145 3.98 11.85 -1.24
CA GLN B 145 4.11 13.13 -0.57
C GLN B 145 5.49 13.00 0.12
N ASN B 146 6.12 14.11 0.54
CA ASN B 146 7.46 14.02 1.20
C ASN B 146 8.51 13.22 0.37
N GLY B 147 8.50 13.39 -0.94
CA GLY B 147 9.45 12.75 -1.85
C GLY B 147 10.83 13.37 -1.74
N ALA B 148 11.85 12.66 -2.22
CA ALA B 148 13.23 13.11 -2.23
C ALA B 148 13.86 12.60 -3.51
N LYS B 149 15.00 13.17 -3.89
CA LYS B 149 15.72 12.81 -5.11
C LYS B 149 17.24 12.88 -4.90
N ILE B 150 18.01 12.24 -5.80
CA ILE B 150 19.47 12.23 -5.79
C ILE B 150 19.97 13.03 -7.00
N VAL B 151 20.78 14.06 -6.73
CA VAL B 151 21.30 14.99 -7.72
C VAL B 151 22.83 15.01 -7.65
N ALA B 152 23.51 15.02 -8.82
CA ALA B 152 24.96 15.08 -8.91
C ALA B 152 25.43 16.47 -8.46
N THR B 153 26.59 16.55 -7.81
CA THR B 153 27.17 17.83 -7.36
C THR B 153 28.47 18.11 -8.10
N LYS B 154 28.94 17.11 -8.87
CA LYS B 154 30.15 17.17 -9.70
C LYS B 154 29.94 16.41 -11.02
N GLU B 155 30.90 16.53 -11.92
CA GLU B 155 30.89 15.86 -13.21
C GLU B 155 31.24 14.37 -13.08
N TRP B 156 30.43 13.51 -13.68
CA TRP B 156 30.66 12.07 -13.71
C TRP B 156 30.83 11.66 -15.18
N LYS B 157 31.74 10.75 -15.45
CA LYS B 157 32.05 10.28 -16.79
C LYS B 157 31.42 8.92 -17.05
N ARG B 158 31.14 8.59 -18.31
CA ARG B 158 30.58 7.29 -18.68
C ARG B 158 31.43 6.14 -18.08
N ASN B 159 30.75 5.19 -17.42
CA ASN B 159 31.28 3.98 -16.77
C ASN B 159 31.84 4.23 -15.35
N ASP B 160 31.82 5.52 -14.91
CA ASP B 160 32.24 5.93 -13.56
C ASP B 160 31.30 5.32 -12.57
N LYS B 161 31.86 4.97 -11.42
CA LYS B 161 31.17 4.37 -10.31
C LYS B 161 31.04 5.38 -9.19
N ILE B 162 29.78 5.57 -8.73
CA ILE B 162 29.33 6.42 -7.62
C ILE B 162 29.17 5.44 -6.44
N GLU B 163 30.33 5.12 -5.87
CA GLU B 163 30.63 4.18 -4.78
C GLU B 163 29.90 4.49 -3.51
N LEU B 164 29.62 5.79 -3.23
CA LEU B 164 28.93 6.19 -2.00
C LEU B 164 27.39 6.18 -2.15
N LEU B 165 26.86 6.01 -3.39
CA LEU B 165 25.43 5.92 -3.66
C LEU B 165 25.05 4.43 -3.71
N VAL B 166 24.91 3.83 -2.53
CA VAL B 166 24.72 2.39 -2.26
C VAL B 166 23.31 1.97 -1.81
N GLY B 167 22.99 0.71 -2.09
CA GLY B 167 21.76 0.04 -1.66
C GLY B 167 22.10 -1.28 -1.05
N CYS B 168 21.22 -1.80 -0.18
CA CYS B 168 21.36 -3.08 0.50
C CYS B 168 20.15 -3.87 0.11
N ILE B 169 20.33 -5.15 -0.18
CA ILE B 169 19.20 -6.01 -0.52
C ILE B 169 18.95 -7.04 0.58
N ALA B 170 17.67 -7.36 0.80
CA ALA B 170 17.21 -8.50 1.58
C ALA B 170 16.19 -9.14 0.65
N GLU B 171 16.24 -10.46 0.52
CA GLU B 171 15.27 -11.18 -0.29
C GLU B 171 14.16 -11.60 0.64
N LEU B 172 12.90 -11.51 0.16
CA LEU B 172 11.74 -11.82 0.99
C LEU B 172 11.10 -13.15 0.61
N SER B 173 10.79 -13.96 1.64
CA SER B 173 10.04 -15.22 1.44
C SER B 173 8.59 -14.78 1.34
N GLU B 174 7.70 -15.62 0.77
CA GLU B 174 6.31 -15.21 0.63
C GLU B 174 5.71 -14.76 1.97
N ILE B 175 6.04 -15.46 3.09
CA ILE B 175 5.60 -15.12 4.47
C ILE B 175 6.13 -13.73 4.85
N GLU B 176 7.42 -13.44 4.55
CA GLU B 176 8.05 -12.13 4.79
C GLU B 176 7.37 -11.01 3.99
N GLU B 177 6.92 -11.33 2.75
CA GLU B 177 6.19 -10.44 1.85
C GLU B 177 4.84 -10.09 2.49
N ASN B 178 4.11 -11.14 2.95
CA ASN B 178 2.83 -11.05 3.63
C ASN B 178 2.91 -10.21 4.91
N MET B 179 3.94 -10.39 5.74
N MET B 179 3.95 -10.42 5.73
CA MET B 179 3.99 -9.62 6.99
CA MET B 179 4.08 -9.68 7.01
C MET B 179 4.58 -8.18 6.82
C MET B 179 4.63 -8.24 6.86
N LEU B 180 5.59 -8.00 5.93
CA LEU B 180 6.28 -6.71 5.74
C LEU B 180 5.82 -5.81 4.59
N LEU B 181 5.10 -6.34 3.59
CA LEU B 181 4.80 -5.46 2.46
C LEU B 181 3.37 -5.06 2.35
N ARG B 182 3.18 -3.78 2.02
CA ARG B 182 1.90 -3.17 1.72
C ARG B 182 2.02 -2.50 0.33
N HIS B 183 1.40 -3.16 -0.69
CA HIS B 183 1.32 -2.76 -2.10
C HIS B 183 0.92 -1.27 -2.28
N GLY B 184 1.77 -0.53 -2.98
CA GLY B 184 1.55 0.88 -3.21
C GLY B 184 1.87 1.77 -2.03
N GLU B 185 2.23 1.16 -0.85
CA GLU B 185 2.57 1.93 0.34
C GLU B 185 4.06 1.87 0.72
N ASN B 186 4.65 0.70 0.85
CA ASN B 186 6.06 0.67 1.23
C ASN B 186 6.92 -0.21 0.32
N ASP B 187 6.41 -0.48 -0.90
CA ASP B 187 7.12 -1.28 -1.89
C ASP B 187 7.62 -0.40 -3.02
N PHE B 188 8.05 0.80 -2.68
CA PHE B 188 8.60 1.77 -3.61
C PHE B 188 9.97 1.32 -4.19
N SER B 189 10.71 0.49 -3.45
CA SER B 189 12.04 -0.06 -3.82
C SER B 189 12.05 -1.60 -3.74
N VAL B 190 10.96 -2.24 -4.12
CA VAL B 190 10.86 -3.69 -4.14
C VAL B 190 10.81 -4.13 -5.59
N MET B 191 11.63 -5.12 -5.96
CA MET B 191 11.57 -5.68 -7.30
C MET B 191 11.36 -7.17 -7.23
N TYR B 192 10.78 -7.79 -8.26
N TYR B 192 10.76 -7.77 -8.27
CA TYR B 192 10.49 -9.23 -8.23
CA TYR B 192 10.52 -9.20 -8.31
C TYR B 192 11.37 -9.99 -9.22
C TYR B 192 11.55 -9.87 -9.21
N SER B 193 12.20 -10.91 -8.67
CA SER B 193 13.15 -11.75 -9.40
C SER B 193 12.43 -12.97 -10.05
N THR B 194 12.56 -13.13 -11.40
CA THR B 194 12.02 -14.30 -12.10
C THR B 194 12.90 -15.53 -11.85
N ARG B 195 14.21 -15.36 -11.73
CA ARG B 195 15.13 -16.46 -11.47
C ARG B 195 14.96 -17.05 -10.05
N LYS B 196 14.79 -16.20 -9.05
CA LYS B 196 14.69 -16.64 -7.65
C LYS B 196 13.26 -16.86 -7.16
N ASN B 197 12.25 -16.30 -7.88
CA ASN B 197 10.82 -16.36 -7.51
C ASN B 197 10.58 -15.80 -6.11
N CYS B 198 11.18 -14.61 -5.84
CA CYS B 198 11.11 -13.86 -4.59
C CYS B 198 11.15 -12.34 -4.84
N ALA B 199 10.63 -11.56 -3.86
CA ALA B 199 10.64 -10.10 -3.78
C ALA B 199 12.05 -9.72 -3.28
N GLN B 200 12.59 -8.64 -3.81
CA GLN B 200 13.92 -8.15 -3.49
C GLN B 200 13.79 -6.72 -3.04
N LEU B 201 14.00 -6.49 -1.75
CA LEU B 201 13.87 -5.17 -1.20
C LEU B 201 15.25 -4.49 -1.16
N TRP B 202 15.33 -3.32 -1.74
CA TRP B 202 16.56 -2.55 -1.81
C TRP B 202 16.40 -1.27 -1.01
N LEU B 203 17.26 -1.00 -0.05
CA LEU B 203 17.13 0.20 0.78
C LEU B 203 18.51 0.82 1.00
N GLY B 204 18.53 2.12 1.25
CA GLY B 204 19.76 2.89 1.44
C GLY B 204 19.72 4.16 0.63
N PRO B 205 20.84 4.92 0.59
CA PRO B 205 20.88 6.13 -0.25
C PRO B 205 20.36 5.94 -1.67
N ALA B 206 20.73 4.83 -2.34
CA ALA B 206 20.32 4.58 -3.73
C ALA B 206 18.80 4.30 -3.90
N ALA B 207 18.06 4.11 -2.77
CA ALA B 207 16.59 3.96 -2.79
C ALA B 207 15.92 5.33 -2.95
N PHE B 208 16.73 6.39 -3.02
CA PHE B 208 16.22 7.75 -3.22
C PHE B 208 16.38 8.24 -4.70
N ILE B 209 16.93 7.36 -5.56
CA ILE B 209 17.13 7.59 -7.01
C ILE B 209 15.80 7.32 -7.73
N ASN B 210 15.34 8.29 -8.51
CA ASN B 210 14.10 8.17 -9.25
C ASN B 210 14.26 7.43 -10.60
N HIS B 211 13.15 6.88 -11.11
CA HIS B 211 13.12 6.18 -12.39
C HIS B 211 12.97 7.13 -13.57
N ASP B 212 13.71 6.83 -14.65
CA ASP B 212 13.68 7.46 -15.96
C ASP B 212 13.85 6.40 -17.04
N CYS B 213 13.07 6.50 -18.11
CA CYS B 213 13.08 5.55 -19.22
C CYS B 213 14.31 5.66 -20.15
N ARG B 214 15.04 6.78 -20.04
CA ARG B 214 16.31 7.06 -20.70
C ARG B 214 17.21 7.49 -19.55
N PRO B 215 17.65 6.52 -18.69
CA PRO B 215 18.42 6.90 -17.51
C PRO B 215 19.87 7.20 -17.74
N ASN B 216 20.50 7.97 -16.83
CA ASN B 216 21.94 8.26 -16.92
C ASN B 216 22.79 7.27 -16.14
N CYS B 217 22.16 6.43 -15.29
CA CYS B 217 22.82 5.42 -14.44
C CYS B 217 22.16 4.06 -14.50
N LYS B 218 22.81 3.08 -13.86
CA LYS B 218 22.36 1.72 -13.72
C LYS B 218 22.92 1.09 -12.44
N PHE B 219 22.07 0.30 -11.80
CA PHE B 219 22.43 -0.41 -10.59
C PHE B 219 23.36 -1.55 -10.97
N VAL B 220 24.53 -1.57 -10.33
CA VAL B 220 25.54 -2.62 -10.53
C VAL B 220 25.87 -3.23 -9.18
N SER B 221 26.01 -4.57 -9.13
CA SER B 221 26.35 -5.27 -7.90
C SER B 221 27.79 -4.96 -7.43
N THR B 222 27.98 -4.77 -6.12
CA THR B 222 29.31 -4.53 -5.52
C THR B 222 29.53 -5.57 -4.41
N GLY B 223 28.70 -6.61 -4.42
CA GLY B 223 28.67 -7.70 -3.46
C GLY B 223 27.38 -8.48 -3.55
N ARG B 224 27.25 -9.54 -2.74
CA ARG B 224 26.04 -10.40 -2.68
C ARG B 224 24.82 -9.67 -2.08
N ASP B 225 25.07 -8.77 -1.11
CA ASP B 225 24.03 -7.99 -0.43
C ASP B 225 24.02 -6.51 -0.84
N THR B 226 24.97 -6.09 -1.70
CA THR B 226 25.13 -4.67 -2.02
C THR B 226 25.22 -4.37 -3.53
N ALA B 227 25.07 -3.06 -3.84
CA ALA B 227 25.12 -2.43 -5.14
C ALA B 227 25.35 -0.95 -4.96
N CYS B 228 25.76 -0.28 -6.02
CA CYS B 228 25.88 1.17 -6.16
C CYS B 228 25.40 1.52 -7.58
N VAL B 229 25.69 2.72 -8.09
CA VAL B 229 25.30 3.08 -9.45
C VAL B 229 26.55 3.35 -10.30
N LYS B 230 26.40 3.17 -11.62
CA LYS B 230 27.44 3.36 -12.62
C LYS B 230 26.83 4.26 -13.69
N ALA B 231 27.57 5.31 -14.09
CA ALA B 231 27.12 6.24 -15.13
C ALA B 231 27.08 5.52 -16.48
N LEU B 232 25.90 5.47 -17.10
CA LEU B 232 25.67 4.91 -18.44
C LEU B 232 26.14 5.89 -19.54
N ARG B 233 26.32 7.18 -19.14
CA ARG B 233 26.77 8.29 -20.01
CA ARG B 233 26.77 8.29 -20.01
C ARG B 233 27.33 9.42 -19.11
N ASP B 234 27.88 10.50 -19.72
CA ASP B 234 28.41 11.63 -18.93
C ASP B 234 27.27 12.35 -18.16
N ILE B 235 27.57 12.84 -16.94
CA ILE B 235 26.62 13.54 -16.05
C ILE B 235 27.25 14.86 -15.58
N GLU B 236 26.52 15.99 -15.73
CA GLU B 236 26.98 17.32 -15.33
C GLU B 236 26.54 17.65 -13.88
N PRO B 237 27.13 18.66 -13.17
CA PRO B 237 26.62 18.99 -11.81
C PRO B 237 25.22 19.60 -11.90
N GLY B 238 24.37 19.32 -10.92
CA GLY B 238 22.99 19.79 -10.87
C GLY B 238 21.97 18.93 -11.59
N GLU B 239 22.45 17.81 -12.18
CA GLU B 239 21.66 16.84 -12.92
C GLU B 239 21.24 15.70 -11.98
N GLU B 240 19.96 15.32 -12.06
CA GLU B 240 19.41 14.24 -11.24
C GLU B 240 19.98 12.87 -11.68
N ILE B 241 20.23 12.00 -10.70
CA ILE B 241 20.72 10.65 -10.96
C ILE B 241 19.47 9.80 -11.21
N SER B 242 19.46 9.03 -12.29
CA SER B 242 18.29 8.24 -12.61
C SER B 242 18.70 6.86 -13.08
N CYS B 243 17.84 5.89 -12.83
CA CYS B 243 18.00 4.52 -13.26
C CYS B 243 16.67 4.02 -13.86
N TYR B 244 16.69 2.90 -14.59
CA TYR B 244 15.47 2.29 -15.15
C TYR B 244 15.14 1.13 -14.21
N TYR B 245 13.99 1.19 -13.50
CA TYR B 245 13.64 0.13 -12.53
C TYR B 245 13.35 -1.23 -13.23
N GLY B 246 12.59 -1.18 -14.33
CA GLY B 246 12.18 -2.35 -15.11
C GLY B 246 11.06 -2.04 -16.08
N ASP B 247 10.60 -3.05 -16.86
CA ASP B 247 9.57 -2.90 -17.92
C ASP B 247 8.12 -2.77 -17.46
N GLY B 248 7.75 -3.41 -16.35
CA GLY B 248 6.37 -3.36 -15.85
C GLY B 248 6.25 -2.86 -14.42
N PHE B 249 6.94 -1.75 -14.10
CA PHE B 249 6.99 -1.17 -12.75
C PHE B 249 5.87 -0.16 -12.43
N PHE B 250 5.53 0.67 -13.42
CA PHE B 250 4.47 1.67 -13.31
C PHE B 250 3.30 1.18 -14.16
N GLY B 251 2.89 -0.04 -13.87
CA GLY B 251 1.86 -0.76 -14.62
C GLY B 251 2.56 -1.53 -15.71
N GLU B 252 1.81 -2.39 -16.43
CA GLU B 252 2.31 -3.19 -17.54
C GLU B 252 2.82 -2.25 -18.63
N ASN B 253 4.04 -2.52 -19.15
CA ASN B 253 4.69 -1.70 -20.18
C ASN B 253 4.88 -0.25 -19.73
N ASN B 254 5.07 -0.05 -18.39
CA ASN B 254 5.26 1.22 -17.69
C ASN B 254 4.27 2.32 -18.12
N GLU B 255 3.00 1.92 -18.35
CA GLU B 255 1.87 2.76 -18.80
C GLU B 255 1.56 3.98 -17.90
N PHE B 256 1.92 3.95 -16.61
CA PHE B 256 1.70 5.05 -15.67
C PHE B 256 2.99 5.77 -15.20
N CYS B 257 4.12 5.61 -15.92
CA CYS B 257 5.41 6.27 -15.64
C CYS B 257 5.25 7.80 -15.75
N GLU B 258 5.86 8.54 -14.83
CA GLU B 258 5.77 10.00 -14.77
C GLU B 258 7.11 10.66 -14.96
N CYS B 259 8.09 9.97 -15.60
CA CYS B 259 9.42 10.54 -15.79
C CYS B 259 9.42 11.64 -16.87
N TYR B 260 10.49 12.47 -16.88
CA TYR B 260 10.71 13.58 -17.83
C TYR B 260 10.76 13.08 -19.27
N THR B 261 11.27 11.85 -19.50
CA THR B 261 11.35 11.21 -20.82
C THR B 261 9.94 10.86 -21.35
N CYS B 262 9.02 10.40 -20.49
CA CYS B 262 7.64 10.09 -20.85
C CYS B 262 6.87 11.38 -21.17
N GLU B 263 7.19 12.48 -20.45
CA GLU B 263 6.59 13.81 -20.64
C GLU B 263 7.02 14.36 -21.99
N ARG B 264 8.33 14.18 -22.33
CA ARG B 264 8.94 14.62 -23.58
C ARG B 264 8.33 13.85 -24.76
N ARG B 265 8.52 12.51 -24.77
CA ARG B 265 8.05 11.58 -25.80
C ARG B 265 6.51 11.39 -25.87
N GLY B 266 5.75 12.04 -24.98
CA GLY B 266 4.29 11.95 -24.91
C GLY B 266 3.78 10.54 -24.66
N THR B 267 4.49 9.79 -23.79
CA THR B 267 4.22 8.39 -23.40
C THR B 267 3.90 8.30 -21.89
N GLY B 268 3.79 7.09 -21.36
CA GLY B 268 3.51 6.85 -19.95
C GLY B 268 2.23 7.48 -19.48
N ALA B 269 2.23 8.07 -18.27
CA ALA B 269 1.05 8.77 -17.71
C ALA B 269 0.75 10.09 -18.43
N PHE B 270 1.67 10.56 -19.30
CA PHE B 270 1.55 11.82 -20.05
C PHE B 270 0.76 11.65 -21.35
N LYS B 271 0.84 10.45 -22.00
CA LYS B 271 0.18 10.05 -23.25
C LYS B 271 -1.31 10.35 -23.26
#